data_2GN2
#
_entry.id   2GN2
#
_cell.length_a   161.145
_cell.length_b   161.145
_cell.length_c   68.723
_cell.angle_alpha   90.00
_cell.angle_beta   90.00
_cell.angle_gamma   120.00
#
_symmetry.space_group_name_H-M   'P 6 2 2'
#
loop_
_entity.id
_entity.type
_entity.pdbx_description
1 polymer 'Threonine dehydratase catabolic'
2 non-polymer 'SODIUM ION'
3 non-polymer "CYTIDINE-5'-MONOPHOSPHATE"
4 water water
#
_entity_poly.entity_id   1
_entity_poly.type   'polypeptide(L)'
_entity_poly.pdbx_seq_one_letter_code
;MRGSHHHHHHGMASHITYDLPVAIEDILEAKKRLAGKIYKTGMPRSNYFSERCKGEIFLKFENMQRTGSF(LLP)IRGAF
NKLSSLTEAEKRKGVVACSAGNHAQGVSLSCAMLGIDGKVVMPKGAPKSKVAATCDYSAEVVLHGDNFNDTIAKVSEIVE
TEGRIFIPPYDDPKVIAGQGTIGLEIMEDLYDVDNVIVPIGGGGLIAGIAIAIKSINPTIKVIGVQAENVHGMAASYYTG
EITTHRTTGTLADGCDVSRPGNLTYEIVRELVDDIVLVSEDEIRNSMIALIQRNKVITEGAGALACAALLSGKLDSHIQN
RKTVSIISGGNIDLSRVSQITGLVDA
;
_entity_poly.pdbx_strand_id   A
#
loop_
_chem_comp.id
_chem_comp.type
_chem_comp.name
_chem_comp.formula
C5P non-polymer CYTIDINE-5'-MONOPHOSPHATE 'C9 H14 N3 O8 P'
NA non-polymer 'SODIUM ION' 'Na 1'
#
# COMPACT_ATOMS: atom_id res chain seq x y z
N ILE A 16 11.17 6.24 25.62
CA ILE A 16 10.45 6.98 24.53
C ILE A 16 9.47 6.07 23.76
N THR A 17 8.59 5.37 24.49
CA THR A 17 7.68 4.37 23.90
C THR A 17 6.38 4.98 23.36
N TYR A 18 5.54 4.13 22.80
CA TYR A 18 4.20 4.53 22.32
C TYR A 18 3.19 3.42 22.59
N ASP A 19 2.01 3.80 23.10
CA ASP A 19 0.96 2.83 23.45
C ASP A 19 0.06 2.55 22.25
N LEU A 20 0.65 1.98 21.21
CA LEU A 20 -0.01 1.81 19.91
C LEU A 20 -0.59 0.41 19.70
N PRO A 21 -1.60 0.29 18.83
CA PRO A 21 -2.20 -1.02 18.57
C PRO A 21 -1.26 -1.98 17.81
N VAL A 22 -0.19 -1.45 17.24
CA VAL A 22 0.87 -2.27 16.64
C VAL A 22 2.23 -1.82 17.20
N ALA A 23 3.16 -2.78 17.30
CA ALA A 23 4.47 -2.54 17.88
C ALA A 23 5.53 -3.33 17.13
N ILE A 24 6.80 -3.01 17.39
CA ILE A 24 7.93 -3.61 16.69
C ILE A 24 7.92 -5.14 16.73
N GLU A 25 7.50 -5.71 17.85
CA GLU A 25 7.38 -7.17 18.00
C GLU A 25 6.40 -7.77 16.99
N ASP A 26 5.31 -7.04 16.68
CA ASP A 26 4.32 -7.52 15.71
C ASP A 26 4.94 -7.65 14.32
N ILE A 27 5.82 -6.70 13.97
CA ILE A 27 6.53 -6.74 12.70
C ILE A 27 7.51 -7.92 12.66
N LEU A 28 8.18 -8.16 13.79
CA LEU A 28 9.13 -9.28 13.90
C LEU A 28 8.44 -10.63 13.74
N GLU A 29 7.26 -10.77 14.34
CA GLU A 29 6.41 -11.95 14.11
C GLU A 29 6.05 -12.08 12.64
N ALA A 30 5.71 -10.97 12.00
CA ALA A 30 5.38 -11.00 10.58
C ALA A 30 6.58 -11.47 9.74
N LYS A 31 7.78 -11.02 10.10
CA LYS A 31 8.99 -11.46 9.41
C LYS A 31 9.15 -12.98 9.51
N LYS A 32 8.97 -13.53 10.71
CA LYS A 32 8.98 -14.99 10.89
C LYS A 32 7.95 -15.67 9.99
N ARG A 33 6.71 -15.21 10.03
CA ARG A 33 5.62 -15.82 9.24
C ARG A 33 5.86 -15.75 7.74
N LEU A 34 6.46 -14.67 7.26
CA LEU A 34 6.73 -14.50 5.81
C LEU A 34 8.02 -15.20 5.31
N ALA A 35 8.95 -15.51 6.21
CA ALA A 35 10.23 -16.09 5.81
C ALA A 35 10.04 -17.33 4.94
N GLY A 36 10.72 -17.36 3.80
CA GLY A 36 10.65 -18.48 2.87
C GLY A 36 9.28 -18.66 2.25
N LYS A 37 8.49 -17.59 2.29
CA LYS A 37 7.17 -17.56 1.66
C LYS A 37 7.06 -16.31 0.79
N ILE A 38 7.22 -15.15 1.43
CA ILE A 38 7.22 -13.85 0.76
C ILE A 38 8.64 -13.29 0.82
N TYR A 39 9.12 -12.74 -0.30
CA TYR A 39 10.52 -12.40 -0.45
C TYR A 39 10.78 -10.92 -0.60
N LYS A 40 11.98 -10.52 -0.18
CA LYS A 40 12.45 -9.16 -0.31
C LYS A 40 12.49 -8.73 -1.78
N THR A 41 12.04 -7.50 -2.04
CA THR A 41 12.10 -6.91 -3.38
C THR A 41 13.37 -6.06 -3.56
N GLY A 42 13.84 -5.96 -4.81
CA GLY A 42 14.98 -5.11 -5.16
C GLY A 42 14.72 -3.65 -4.82
N MET A 43 15.80 -2.91 -4.55
CA MET A 43 15.71 -1.49 -4.21
C MET A 43 16.91 -0.70 -4.79
N PRO A 44 16.97 -0.62 -6.12
CA PRO A 44 18.16 -0.02 -6.76
C PRO A 44 18.12 1.50 -6.74
N ARG A 45 19.29 2.12 -6.91
CA ARG A 45 19.41 3.55 -7.09
C ARG A 45 18.78 3.97 -8.42
N SER A 46 18.08 5.10 -8.43
CA SER A 46 17.65 5.72 -9.68
C SER A 46 18.56 6.89 -10.03
N ASN A 47 19.33 6.73 -11.11
CA ASN A 47 20.20 7.81 -11.54
C ASN A 47 19.42 9.08 -11.89
N TYR A 48 18.30 8.94 -12.61
CA TYR A 48 17.52 10.11 -13.04
C TYR A 48 16.94 10.90 -11.87
N PHE A 49 16.26 10.22 -10.96
CA PHE A 49 15.67 10.87 -9.78
C PHE A 49 16.74 11.43 -8.87
N SER A 50 17.90 10.77 -8.80
CA SER A 50 19.02 11.30 -8.04
C SER A 50 19.51 12.62 -8.65
N GLU A 51 19.68 12.64 -9.96
CA GLU A 51 20.11 13.86 -10.66
C GLU A 51 19.10 14.98 -10.46
N ARG A 52 17.81 14.69 -10.66
CA ARG A 52 16.76 15.70 -10.56
C ARG A 52 16.69 16.28 -9.16
N CYS A 53 16.75 15.42 -8.16
CA CYS A 53 16.56 15.83 -6.78
C CYS A 53 17.83 16.31 -6.11
N LYS A 54 18.96 16.21 -6.80
CA LYS A 54 20.27 16.58 -6.25
C LYS A 54 20.54 15.87 -4.91
N GLY A 55 20.14 14.59 -4.84
CA GLY A 55 20.40 13.73 -3.69
C GLY A 55 20.25 12.29 -4.14
N GLU A 56 20.63 11.34 -3.30
CA GLU A 56 20.56 9.93 -3.68
C GLU A 56 19.12 9.43 -3.54
N ILE A 57 18.59 8.84 -4.61
CA ILE A 57 17.21 8.31 -4.63
C ILE A 57 17.21 6.83 -4.99
N PHE A 58 16.48 6.05 -4.19
CA PHE A 58 16.37 4.60 -4.38
C PHE A 58 14.91 4.19 -4.54
N LEU A 59 14.65 3.24 -5.44
CA LEU A 59 13.30 2.78 -5.71
C LEU A 59 13.05 1.40 -5.12
N LYS A 60 12.14 1.31 -4.15
CA LYS A 60 11.74 0.02 -3.57
C LYS A 60 10.65 -0.60 -4.46
N PHE A 61 10.98 -1.71 -5.12
CA PHE A 61 10.11 -2.31 -6.15
C PHE A 61 9.05 -3.26 -5.59
N GLU A 62 8.10 -2.73 -4.82
CA GLU A 62 6.94 -3.54 -4.44
C GLU A 62 6.01 -3.82 -5.62
N ASN A 63 6.21 -3.11 -6.74
CA ASN A 63 5.54 -3.51 -7.99
C ASN A 63 6.02 -4.87 -8.50
N MET A 64 7.19 -5.32 -8.05
CA MET A 64 7.71 -6.64 -8.43
C MET A 64 7.54 -7.66 -7.32
N GLN A 65 6.77 -7.29 -6.30
CA GLN A 65 6.32 -8.26 -5.30
C GLN A 65 5.24 -9.13 -5.95
N ARG A 66 5.03 -10.34 -5.43
CA ARG A 66 3.98 -11.23 -5.92
C ARG A 66 2.62 -10.52 -5.94
N THR A 67 1.85 -10.74 -7.02
CA THR A 67 0.55 -10.09 -7.32
C THR A 67 0.67 -8.66 -7.83
N GLY A 68 1.88 -8.09 -7.79
CA GLY A 68 2.11 -6.78 -8.37
C GLY A 68 1.98 -5.62 -7.40
N SER A 69 1.65 -5.91 -6.14
CA SER A 69 1.72 -4.90 -5.10
C SER A 69 2.20 -5.52 -3.79
N PHE A 70 2.37 -4.65 -2.81
CA PHE A 70 2.84 -5.06 -1.50
C PHE A 70 1.78 -5.83 -0.70
N1 LLP A 71 -0.22 1.73 -3.20
C2 LLP A 71 -0.78 0.66 -3.85
C2' LLP A 71 -0.22 0.17 -5.14
C3 LLP A 71 -1.88 0.03 -3.30
O3 LLP A 71 -2.38 -0.93 -3.90
C4 LLP A 71 -2.43 0.48 -2.07
C4' LLP A 71 -3.62 -0.23 -1.45
C5 LLP A 71 -1.83 1.57 -1.42
C6 LLP A 71 -0.73 2.19 -2.00
C5' LLP A 71 -2.35 2.10 -0.11
OP4 LLP A 71 -2.06 1.35 1.08
P LLP A 71 -2.89 1.57 2.43
OP1 LLP A 71 -2.35 0.53 3.34
OP2 LLP A 71 -4.30 1.35 2.05
OP3 LLP A 71 -2.55 2.95 2.85
N LLP A 71 0.51 -5.72 -1.10
CA LLP A 71 -0.63 -6.15 -0.27
CB LLP A 71 -1.97 -5.75 -0.92
CG LLP A 71 -2.23 -4.23 -0.88
CD LLP A 71 -3.71 -3.87 -0.82
CE LLP A 71 -3.94 -2.38 -0.48
NZ LLP A 71 -3.35 -1.55 -1.54
C LLP A 71 -0.65 -7.64 0.10
O LLP A 71 -1.35 -8.03 1.04
N ILE A 72 0.08 -8.45 -0.66
CA ILE A 72 0.31 -9.85 -0.30
C ILE A 72 0.95 -9.97 1.09
N ARG A 73 1.74 -8.98 1.50
CA ARG A 73 2.45 -9.06 2.77
C ARG A 73 1.49 -9.05 3.95
N GLY A 74 0.66 -8.02 4.02
CA GLY A 74 -0.32 -7.88 5.10
C GLY A 74 -1.33 -9.03 5.12
N ALA A 75 -1.78 -9.44 3.94
CA ALA A 75 -2.78 -10.50 3.83
C ALA A 75 -2.20 -11.84 4.26
N PHE A 76 -0.99 -12.15 3.81
CA PHE A 76 -0.33 -13.40 4.19
C PHE A 76 -0.12 -13.45 5.71
N ASN A 77 0.32 -12.35 6.29
CA ASN A 77 0.55 -12.30 7.73
C ASN A 77 -0.70 -12.57 8.53
N LYS A 78 -1.76 -11.86 8.19
CA LYS A 78 -3.04 -12.02 8.89
C LYS A 78 -3.59 -13.43 8.73
N LEU A 79 -3.55 -13.97 7.51
CA LEU A 79 -4.07 -15.31 7.27
C LEU A 79 -3.20 -16.39 7.92
N SER A 80 -1.88 -16.22 7.86
CA SER A 80 -0.96 -17.18 8.47
C SER A 80 -1.06 -17.20 10.00
N SER A 81 -1.37 -16.03 10.58
CA SER A 81 -1.48 -15.89 12.03
C SER A 81 -2.73 -16.54 12.63
N LEU A 82 -3.71 -16.84 11.80
CA LEU A 82 -4.92 -17.49 12.26
C LEU A 82 -4.61 -18.86 12.85
N THR A 83 -5.37 -19.25 13.87
CA THR A 83 -5.32 -20.62 14.39
C THR A 83 -5.95 -21.54 13.36
N GLU A 84 -5.76 -22.84 13.53
CA GLU A 84 -6.35 -23.82 12.61
C GLU A 84 -7.87 -23.77 12.67
N ALA A 85 -8.42 -23.68 13.89
CA ALA A 85 -9.85 -23.49 14.09
C ALA A 85 -10.35 -22.28 13.29
N GLU A 86 -9.59 -21.19 13.33
CA GLU A 86 -9.94 -19.97 12.59
C GLU A 86 -9.80 -20.17 11.08
N LYS A 87 -8.75 -20.86 10.64
CA LYS A 87 -8.55 -21.15 9.22
C LYS A 87 -9.66 -22.02 8.64
N ARG A 88 -10.21 -22.92 9.48
CA ARG A 88 -11.33 -23.78 9.09
C ARG A 88 -12.61 -22.99 8.79
N LYS A 89 -12.79 -21.85 9.47
CA LYS A 89 -13.97 -21.00 9.25
C LYS A 89 -14.07 -20.44 7.83
N GLY A 90 -12.94 -20.33 7.14
CA GLY A 90 -12.88 -19.66 5.86
C GLY A 90 -12.78 -18.16 6.06
N VAL A 91 -12.33 -17.46 5.03
CA VAL A 91 -12.15 -16.01 5.12
C VAL A 91 -12.92 -15.29 4.03
N VAL A 92 -13.21 -14.02 4.29
CA VAL A 92 -13.86 -13.18 3.30
C VAL A 92 -13.20 -11.79 3.28
N ALA A 93 -13.14 -11.22 2.08
CA ALA A 93 -12.57 -9.90 1.89
C ALA A 93 -13.37 -9.13 0.85
N CYS A 94 -13.03 -7.85 0.72
CA CYS A 94 -13.75 -6.95 -0.16
C CYS A 94 -12.80 -5.96 -0.82
N SER A 95 -12.73 -5.99 -2.15
CA SER A 95 -11.84 -5.11 -2.88
C SER A 95 -12.11 -5.15 -4.36
N ALA A 96 -11.78 -4.05 -5.03
CA ALA A 96 -11.84 -3.98 -6.49
C ALA A 96 -10.43 -4.05 -7.07
N GLY A 97 -9.45 -4.38 -6.25
CA GLY A 97 -8.07 -4.22 -6.65
C GLY A 97 -7.05 -5.13 -6.00
N ASN A 98 -5.96 -4.52 -5.56
CA ASN A 98 -4.78 -5.27 -5.15
C ASN A 98 -4.97 -6.12 -3.88
N HIS A 99 -5.81 -5.65 -2.95
CA HIS A 99 -6.14 -6.41 -1.73
C HIS A 99 -6.79 -7.74 -2.10
N ALA A 100 -7.68 -7.71 -3.09
CA ALA A 100 -8.35 -8.92 -3.57
C ALA A 100 -7.34 -9.96 -4.04
N GLN A 101 -6.34 -9.49 -4.79
CA GLN A 101 -5.28 -10.37 -5.31
C GLN A 101 -4.42 -10.95 -4.20
N GLY A 102 -4.09 -10.13 -3.21
CA GLY A 102 -3.25 -10.57 -2.09
C GLY A 102 -3.92 -11.59 -1.21
N VAL A 103 -5.19 -11.35 -0.92
CA VAL A 103 -6.00 -12.27 -0.14
C VAL A 103 -6.19 -13.57 -0.91
N SER A 104 -6.43 -13.48 -2.21
CA SER A 104 -6.64 -14.67 -3.02
C SER A 104 -5.39 -15.54 -3.06
N LEU A 105 -4.25 -14.95 -3.42
CA LEU A 105 -2.98 -15.70 -3.46
C LEU A 105 -2.59 -16.29 -2.10
N SER A 106 -2.73 -15.48 -1.04
CA SER A 106 -2.45 -15.94 0.32
C SER A 106 -3.26 -17.18 0.67
N CYS A 107 -4.55 -17.18 0.31
CA CYS A 107 -5.41 -18.34 0.50
C CYS A 107 -4.85 -19.58 -0.18
N ALA A 108 -4.38 -19.42 -1.42
CA ALA A 108 -3.81 -20.53 -2.19
C ALA A 108 -2.57 -21.09 -1.51
N MET A 109 -1.68 -20.19 -1.07
CA MET A 109 -0.41 -20.57 -0.46
C MET A 109 -0.59 -21.30 0.86
N LEU A 110 -1.60 -20.90 1.63
CA LEU A 110 -1.85 -21.47 2.96
C LEU A 110 -2.88 -22.59 2.95
N GLY A 111 -3.50 -22.84 1.81
CA GLY A 111 -4.53 -23.88 1.71
C GLY A 111 -5.80 -23.50 2.46
N ILE A 112 -6.17 -22.23 2.38
CA ILE A 112 -7.36 -21.69 3.04
C ILE A 112 -8.43 -21.40 1.99
N ASP A 113 -9.68 -21.64 2.39
CA ASP A 113 -10.86 -21.38 1.56
C ASP A 113 -11.24 -19.90 1.73
N GLY A 114 -11.34 -19.17 0.63
CA GLY A 114 -11.57 -17.72 0.68
C GLY A 114 -12.54 -17.22 -0.37
N LYS A 115 -13.41 -16.29 0.03
CA LYS A 115 -14.29 -15.59 -0.89
C LYS A 115 -13.85 -14.13 -0.95
N VAL A 116 -13.91 -13.56 -2.15
CA VAL A 116 -13.63 -12.13 -2.31
C VAL A 116 -14.82 -11.46 -2.99
N VAL A 117 -15.46 -10.55 -2.26
CA VAL A 117 -16.56 -9.76 -2.79
C VAL A 117 -15.98 -8.57 -3.54
N MET A 118 -16.25 -8.49 -4.83
CA MET A 118 -15.78 -7.39 -5.66
C MET A 118 -17.01 -6.67 -6.20
N PRO A 119 -16.94 -5.35 -6.34
CA PRO A 119 -18.09 -4.64 -6.85
C PRO A 119 -18.30 -4.92 -8.34
N LYS A 120 -19.57 -5.03 -8.73
CA LYS A 120 -19.89 -4.96 -10.15
C LYS A 120 -19.22 -3.67 -10.60
N GLY A 121 -18.56 -3.70 -11.75
CA GLY A 121 -17.87 -2.51 -12.23
C GLY A 121 -16.40 -2.49 -11.89
N ALA A 122 -15.97 -3.43 -11.05
CA ALA A 122 -14.57 -3.63 -10.79
C ALA A 122 -13.84 -3.93 -12.11
N PRO A 123 -12.61 -3.41 -12.27
CA PRO A 123 -11.87 -3.61 -13.52
C PRO A 123 -11.72 -5.07 -13.91
N LYS A 124 -11.97 -5.37 -15.17
CA LYS A 124 -11.94 -6.73 -15.71
C LYS A 124 -10.64 -7.48 -15.39
N SER A 125 -9.52 -6.83 -15.64
CA SER A 125 -8.20 -7.41 -15.39
C SER A 125 -8.03 -7.88 -13.96
N LYS A 126 -8.54 -7.10 -13.03
CA LYS A 126 -8.38 -7.38 -11.62
C LYS A 126 -9.34 -8.47 -11.16
N VAL A 127 -10.51 -8.57 -11.77
CA VAL A 127 -11.42 -9.68 -11.49
C VAL A 127 -10.76 -10.98 -11.95
N ALA A 128 -10.26 -10.97 -13.18
CA ALA A 128 -9.61 -12.15 -13.77
C ALA A 128 -8.40 -12.60 -12.95
N ALA A 129 -7.58 -11.65 -12.53
CA ALA A 129 -6.38 -12.00 -11.79
C ALA A 129 -6.72 -12.68 -10.45
N THR A 130 -7.72 -12.16 -9.73
CA THR A 130 -8.03 -12.74 -8.41
C THR A 130 -8.71 -14.10 -8.57
N CYS A 131 -9.39 -14.31 -9.68
CA CYS A 131 -9.82 -15.66 -10.09
C CYS A 131 -8.66 -16.60 -10.27
N ASP A 132 -7.64 -16.15 -10.99
CA ASP A 132 -6.48 -16.98 -11.27
C ASP A 132 -5.86 -17.43 -9.97
N TYR A 133 -5.87 -16.57 -8.96
CA TYR A 133 -5.21 -16.85 -7.68
C TYR A 133 -5.99 -17.81 -6.75
N SER A 134 -7.16 -18.29 -7.19
CA SER A 134 -7.81 -19.48 -6.62
C SER A 134 -9.05 -19.23 -5.75
N ALA A 135 -9.15 -18.04 -5.17
CA ALA A 135 -10.32 -17.71 -4.34
C ALA A 135 -11.60 -17.56 -5.18
N GLU A 136 -12.72 -17.84 -4.53
CA GLU A 136 -14.02 -17.64 -5.11
C GLU A 136 -14.31 -16.15 -5.17
N VAL A 137 -14.61 -15.65 -6.38
CA VAL A 137 -14.96 -14.25 -6.57
C VAL A 137 -16.48 -14.12 -6.62
N VAL A 138 -17.01 -13.18 -5.84
CA VAL A 138 -18.44 -12.88 -5.82
C VAL A 138 -18.62 -11.45 -6.29
N LEU A 139 -19.17 -11.27 -7.49
CA LEU A 139 -19.40 -9.94 -8.03
C LEU A 139 -20.79 -9.50 -7.60
N HIS A 140 -20.81 -8.57 -6.64
CA HIS A 140 -22.08 -8.09 -6.12
C HIS A 140 -22.03 -6.59 -5.84
N GLY A 141 -23.08 -5.89 -6.27
CA GLY A 141 -23.32 -4.51 -5.87
C GLY A 141 -22.81 -3.47 -6.84
N ASP A 142 -23.67 -2.52 -7.17
CA ASP A 142 -23.33 -1.35 -7.97
C ASP A 142 -23.15 -0.13 -7.06
N ASN A 143 -22.93 -0.40 -5.77
CA ASN A 143 -23.05 0.60 -4.73
C ASN A 143 -22.16 0.14 -3.57
N PHE A 144 -21.50 1.08 -2.89
CA PHE A 144 -20.65 0.72 -1.73
C PHE A 144 -21.47 0.00 -0.64
N ASN A 145 -22.65 0.50 -0.35
CA ASN A 145 -23.52 -0.11 0.64
C ASN A 145 -24.00 -1.51 0.22
N ASP A 146 -24.31 -1.69 -1.06
CA ASP A 146 -24.78 -2.98 -1.56
C ASP A 146 -23.66 -4.02 -1.60
N THR A 147 -22.44 -3.57 -1.92
CA THR A 147 -21.29 -4.46 -1.99
C THR A 147 -20.86 -4.87 -0.58
N ILE A 148 -20.68 -3.88 0.30
CA ILE A 148 -20.27 -4.13 1.68
C ILE A 148 -21.31 -4.95 2.44
N ALA A 149 -22.59 -4.77 2.12
CA ALA A 149 -23.66 -5.55 2.76
C ALA A 149 -23.63 -7.03 2.37
N LYS A 150 -23.05 -7.35 1.22
CA LYS A 150 -22.85 -8.75 0.82
C LYS A 150 -21.80 -9.42 1.71
N VAL A 151 -20.72 -8.68 1.98
CA VAL A 151 -19.67 -9.17 2.87
C VAL A 151 -20.25 -9.42 4.25
N SER A 152 -21.08 -8.49 4.73
CA SER A 152 -21.80 -8.64 5.98
C SER A 152 -22.68 -9.90 5.97
N GLU A 153 -23.51 -10.04 4.94
CA GLU A 153 -24.37 -11.22 4.77
C GLU A 153 -23.55 -12.51 4.80
N ILE A 154 -22.38 -12.49 4.18
CA ILE A 154 -21.48 -13.65 4.15
C ILE A 154 -20.91 -13.97 5.55
N VAL A 155 -20.59 -12.94 6.32
CA VAL A 155 -20.07 -13.14 7.68
C VAL A 155 -21.14 -13.77 8.57
N GLU A 156 -22.37 -13.25 8.52
CA GLU A 156 -23.47 -13.74 9.37
C GLU A 156 -23.79 -15.20 9.06
N THR A 157 -24.03 -15.50 7.79
CA THR A 157 -24.56 -16.79 7.36
C THR A 157 -23.49 -17.88 7.28
N GLU A 158 -22.26 -17.52 6.96
CA GLU A 158 -21.19 -18.50 6.78
C GLU A 158 -20.18 -18.55 7.93
N GLY A 159 -20.10 -17.47 8.70
CA GLY A 159 -19.14 -17.39 9.81
C GLY A 159 -17.70 -17.18 9.38
N ARG A 160 -17.51 -16.67 8.17
CA ARG A 160 -16.16 -16.45 7.61
C ARG A 160 -15.52 -15.27 8.31
N ILE A 161 -14.19 -15.29 8.35
CA ILE A 161 -13.43 -14.23 9.01
C ILE A 161 -13.11 -13.13 8.00
N PHE A 162 -13.51 -11.90 8.33
CA PHE A 162 -13.23 -10.75 7.47
C PHE A 162 -11.75 -10.36 7.55
N ILE A 163 -11.18 -9.96 6.41
CA ILE A 163 -9.77 -9.58 6.31
C ILE A 163 -9.66 -8.11 5.86
N PRO A 164 -9.55 -7.16 6.81
CA PRO A 164 -9.51 -5.74 6.44
C PRO A 164 -8.33 -5.37 5.54
N PRO A 165 -8.54 -4.42 4.61
CA PRO A 165 -7.45 -3.99 3.71
C PRO A 165 -6.33 -3.23 4.40
N TYR A 166 -6.61 -2.58 5.53
CA TYR A 166 -5.58 -1.83 6.26
C TYR A 166 -5.79 -1.71 7.78
N ASP A 167 -7.05 -1.68 8.23
CA ASP A 167 -7.37 -1.37 9.60
C ASP A 167 -7.36 -2.65 10.44
N ASP A 168 -6.17 -3.21 10.62
CA ASP A 168 -6.00 -4.50 11.29
C ASP A 168 -4.53 -4.65 11.70
N PRO A 169 -4.29 -5.02 12.97
CA PRO A 169 -2.91 -5.02 13.49
C PRO A 169 -1.97 -5.99 12.76
N LYS A 170 -2.49 -7.14 12.36
CA LYS A 170 -1.70 -8.13 11.62
C LYS A 170 -1.44 -7.69 10.19
N VAL A 171 -2.44 -7.07 9.56
CA VAL A 171 -2.26 -6.55 8.21
C VAL A 171 -1.20 -5.46 8.22
N ILE A 172 -1.34 -4.51 9.15
CA ILE A 172 -0.38 -3.42 9.31
C ILE A 172 1.03 -3.96 9.51
N ALA A 173 1.17 -4.94 10.38
CA ALA A 173 2.48 -5.47 10.73
C ALA A 173 3.17 -6.16 9.56
N GLY A 174 2.38 -6.76 8.67
CA GLY A 174 2.91 -7.35 7.45
C GLY A 174 3.46 -6.34 6.48
N GLN A 175 2.81 -5.17 6.36
CA GLN A 175 3.33 -4.13 5.47
C GLN A 175 4.65 -3.57 6.02
N GLY A 176 4.79 -3.55 7.35
CA GLY A 176 5.99 -3.01 7.99
C GLY A 176 7.27 -3.79 7.72
N THR A 177 7.14 -5.03 7.27
CA THR A 177 8.31 -5.81 6.91
C THR A 177 9.15 -5.06 5.85
N ILE A 178 8.47 -4.21 5.07
CA ILE A 178 9.14 -3.37 4.08
C ILE A 178 10.17 -2.43 4.71
N GLY A 179 9.81 -1.83 5.86
CA GLY A 179 10.73 -0.97 6.59
C GLY A 179 11.98 -1.69 7.06
N LEU A 180 11.83 -2.94 7.52
CA LEU A 180 12.99 -3.70 8.00
C LEU A 180 13.93 -4.01 6.85
N GLU A 181 13.36 -4.31 5.69
CA GLU A 181 14.13 -4.57 4.47
C GLU A 181 14.92 -3.33 4.02
N ILE A 182 14.34 -2.15 4.25
CA ILE A 182 14.98 -0.90 3.83
C ILE A 182 16.26 -0.61 4.64
N MET A 183 16.17 -0.75 5.96
CA MET A 183 17.31 -0.52 6.84
C MET A 183 18.35 -1.63 6.65
N GLU A 184 17.88 -2.82 6.29
CA GLU A 184 18.74 -3.93 5.91
C GLU A 184 19.53 -3.61 4.63
N ASP A 185 18.88 -3.07 3.60
CA ASP A 185 19.56 -2.73 2.34
C ASP A 185 20.26 -1.37 2.33
N LEU A 186 19.89 -0.46 3.23
CA LEU A 186 20.44 0.88 3.26
C LEU A 186 20.41 1.44 4.68
N TYR A 187 21.42 1.10 5.46
CA TYR A 187 21.47 1.44 6.89
C TYR A 187 21.45 2.94 7.15
N ASP A 188 22.05 3.70 6.25
CA ASP A 188 22.20 5.16 6.40
C ASP A 188 21.15 5.92 5.61
N VAL A 189 19.98 5.32 5.40
CA VAL A 189 18.84 6.01 4.79
C VAL A 189 18.36 7.17 5.67
N ASP A 190 17.97 8.28 5.03
CA ASP A 190 17.49 9.47 5.76
C ASP A 190 15.98 9.62 5.70
N ASN A 191 15.41 9.41 4.50
CA ASN A 191 13.98 9.57 4.29
C ASN A 191 13.35 8.35 3.63
N VAL A 192 12.11 8.05 4.00
CA VAL A 192 11.30 7.06 3.28
C VAL A 192 9.98 7.72 2.89
N ILE A 193 9.66 7.67 1.60
CA ILE A 193 8.47 8.34 1.04
C ILE A 193 7.44 7.31 0.64
N VAL A 194 6.25 7.41 1.23
CA VAL A 194 5.27 6.33 1.20
C VAL A 194 3.88 6.83 0.79
N PRO A 195 3.25 6.16 -0.18
CA PRO A 195 1.88 6.55 -0.56
C PRO A 195 0.88 6.13 0.50
N ILE A 196 -0.24 6.85 0.61
CA ILE A 196 -1.25 6.55 1.61
C ILE A 196 -2.64 6.46 1.00
N GLY A 197 -3.33 5.34 1.29
CA GLY A 197 -4.78 5.24 1.11
C GLY A 197 -5.43 5.13 2.48
N GLY A 198 -5.64 3.90 2.92
CA GLY A 198 -6.16 3.64 4.27
C GLY A 198 -5.14 3.87 5.37
N GLY A 199 -3.85 3.76 5.04
CA GLY A 199 -2.76 4.05 5.98
C GLY A 199 -2.01 2.84 6.53
N GLY A 200 -2.36 1.65 6.09
CA GLY A 200 -1.75 0.41 6.59
C GLY A 200 -0.29 0.28 6.21
N LEU A 201 0.02 0.64 4.97
CA LEU A 201 1.39 0.60 4.47
C LEU A 201 2.30 1.51 5.29
N ILE A 202 1.96 2.79 5.31
CA ILE A 202 2.78 3.77 6.02
C ILE A 202 2.82 3.51 7.52
N ALA A 203 1.69 3.11 8.10
CA ALA A 203 1.65 2.78 9.52
C ALA A 203 2.66 1.70 9.85
N GLY A 204 2.65 0.64 9.04
CA GLY A 204 3.55 -0.49 9.25
C GLY A 204 4.99 -0.07 9.15
N ILE A 205 5.31 0.66 8.08
CA ILE A 205 6.67 1.12 7.86
C ILE A 205 7.14 2.07 8.97
N ALA A 206 6.30 3.05 9.34
CA ALA A 206 6.65 4.00 10.41
C ALA A 206 7.06 3.28 11.69
N ILE A 207 6.26 2.31 12.11
CA ILE A 207 6.56 1.53 13.31
C ILE A 207 7.90 0.82 13.18
N ALA A 208 8.13 0.18 12.03
CA ALA A 208 9.40 -0.52 11.80
C ALA A 208 10.55 0.47 11.81
N ILE A 209 10.42 1.55 11.05
CA ILE A 209 11.49 2.55 10.94
C ILE A 209 11.73 3.26 12.28
N LYS A 210 10.69 3.88 12.83
CA LYS A 210 10.84 4.68 14.05
C LYS A 210 11.25 3.88 15.29
N SER A 211 10.90 2.59 15.35
CA SER A 211 11.28 1.75 16.49
C SER A 211 12.77 1.48 16.54
N ILE A 212 13.39 1.42 15.37
CA ILE A 212 14.79 1.05 15.26
C ILE A 212 15.66 2.29 15.15
N ASN A 213 15.25 3.22 14.28
CA ASN A 213 15.97 4.47 14.09
C ASN A 213 15.00 5.61 13.85
N PRO A 214 14.65 6.35 14.92
CA PRO A 214 13.70 7.45 14.81
C PRO A 214 14.23 8.70 14.10
N THR A 215 15.52 8.76 13.81
CA THR A 215 16.06 9.87 13.04
C THR A 215 15.72 9.74 11.56
N ILE A 216 15.25 8.56 11.14
CA ILE A 216 14.84 8.38 9.77
C ILE A 216 13.44 8.95 9.55
N LYS A 217 13.33 9.87 8.60
CA LYS A 217 12.06 10.52 8.30
C LYS A 217 11.13 9.62 7.50
N VAL A 218 9.88 9.58 7.93
CA VAL A 218 8.84 8.88 7.17
C VAL A 218 7.81 9.92 6.75
N ILE A 219 7.64 10.07 5.44
CA ILE A 219 6.81 11.13 4.86
C ILE A 219 5.77 10.52 3.93
N GLY A 220 4.52 10.96 4.07
CA GLY A 220 3.42 10.44 3.29
C GLY A 220 3.09 11.27 2.05
N VAL A 221 2.40 10.63 1.10
CA VAL A 221 1.99 11.29 -0.14
C VAL A 221 0.60 10.84 -0.55
N GLN A 222 -0.26 11.80 -0.86
CA GLN A 222 -1.60 11.50 -1.38
C GLN A 222 -1.96 12.39 -2.56
N ALA A 223 -3.03 12.02 -3.24
CA ALA A 223 -3.53 12.79 -4.37
C ALA A 223 -4.22 14.04 -3.88
N GLU A 224 -4.07 15.14 -4.63
CA GLU A 224 -4.85 16.36 -4.38
C GLU A 224 -6.34 16.06 -4.35
N ASN A 225 -6.78 15.17 -5.24
CA ASN A 225 -8.21 14.88 -5.42
C ASN A 225 -8.89 14.17 -4.25
N VAL A 226 -8.11 13.42 -3.47
CA VAL A 226 -8.67 12.63 -2.37
C VAL A 226 -7.56 12.30 -1.36
N HIS A 227 -7.73 12.74 -0.12
CA HIS A 227 -6.70 12.58 0.91
C HIS A 227 -7.26 12.62 2.33
N GLY A 228 -8.11 11.66 2.65
CA GLY A 228 -8.65 11.52 4.00
C GLY A 228 -7.57 11.65 5.07
N MET A 229 -6.50 10.89 4.93
CA MET A 229 -5.43 10.85 5.93
C MET A 229 -4.73 12.20 6.09
N ALA A 230 -4.38 12.85 4.98
CA ALA A 230 -3.76 14.17 5.02
C ALA A 230 -4.64 15.16 5.78
N ALA A 231 -5.92 15.22 5.42
CA ALA A 231 -6.89 16.08 6.08
C ALA A 231 -6.97 15.79 7.57
N SER A 232 -7.00 14.51 7.93
CA SER A 232 -7.04 14.09 9.33
C SER A 232 -5.75 14.47 10.06
N TYR A 233 -4.63 14.28 9.39
CA TYR A 233 -3.30 14.60 9.92
C TYR A 233 -3.15 16.08 10.22
N TYR A 234 -3.69 16.93 9.35
CA TYR A 234 -3.53 18.37 9.52
C TYR A 234 -4.64 19.00 10.36
N THR A 235 -5.78 18.31 10.49
CA THR A 235 -6.91 18.76 11.32
C THR A 235 -6.76 18.32 12.77
N GLY A 236 -6.08 17.20 13.01
CA GLY A 236 -5.88 16.68 14.37
C GLY A 236 -6.96 15.71 14.80
N GLU A 237 -7.83 15.30 13.88
CA GLU A 237 -8.81 14.25 14.12
C GLU A 237 -9.27 13.65 12.80
N ILE A 238 -9.93 12.50 12.84
CA ILE A 238 -10.37 11.83 11.62
C ILE A 238 -11.44 12.67 10.91
N THR A 239 -11.17 13.04 9.66
CA THR A 239 -12.12 13.71 8.80
C THR A 239 -12.09 13.00 7.44
N THR A 240 -13.22 12.98 6.74
CA THR A 240 -13.26 12.49 5.37
C THR A 240 -12.88 13.60 4.41
N HIS A 241 -12.14 13.26 3.36
CA HIS A 241 -11.96 14.16 2.23
C HIS A 241 -11.94 13.40 0.91
N ARG A 242 -12.78 13.85 -0.03
CA ARG A 242 -12.76 13.36 -1.40
C ARG A 242 -13.46 14.37 -2.29
N THR A 243 -12.68 15.06 -3.12
CA THR A 243 -13.25 16.00 -4.08
C THR A 243 -13.63 15.25 -5.36
N THR A 244 -12.79 14.30 -5.78
CA THR A 244 -13.09 13.46 -6.95
C THR A 244 -12.10 12.29 -7.05
N GLY A 245 -12.26 11.45 -8.07
CA GLY A 245 -11.38 10.29 -8.28
C GLY A 245 -9.98 10.67 -8.73
N THR A 246 -9.11 9.67 -8.90
CA THR A 246 -7.70 9.92 -9.20
C THR A 246 -7.05 8.78 -9.98
N LEU A 247 -6.02 9.12 -10.74
CA LEU A 247 -5.09 8.14 -11.32
C LEU A 247 -4.53 7.15 -10.29
N ALA A 248 -4.26 7.65 -9.08
CA ALA A 248 -3.71 6.78 -8.04
C ALA A 248 -4.84 6.02 -7.37
N ASP A 249 -5.54 5.21 -8.17
CA ASP A 249 -6.76 4.53 -7.75
C ASP A 249 -6.55 3.65 -6.53
N GLY A 250 -5.35 3.10 -6.39
CA GLY A 250 -4.98 2.34 -5.20
C GLY A 250 -5.06 3.12 -3.89
N CYS A 251 -4.95 4.44 -3.96
CA CYS A 251 -5.01 5.30 -2.78
C CYS A 251 -6.26 6.21 -2.77
N ASP A 252 -7.31 5.76 -3.44
CA ASP A 252 -8.59 6.46 -3.46
C ASP A 252 -9.39 6.09 -2.20
N VAL A 253 -9.11 6.79 -1.10
CA VAL A 253 -9.70 6.49 0.22
C VAL A 253 -10.12 7.80 0.89
N SER A 254 -11.42 7.95 1.15
CA SER A 254 -11.91 9.22 1.70
C SER A 254 -11.67 9.33 3.20
N ARG A 255 -11.60 8.20 3.89
CA ARG A 255 -11.51 8.20 5.36
C ARG A 255 -10.53 7.14 5.83
N PRO A 256 -9.48 7.55 6.56
CA PRO A 256 -8.46 6.60 7.01
C PRO A 256 -8.99 5.68 8.11
N GLY A 257 -8.30 4.56 8.32
CA GLY A 257 -8.66 3.64 9.37
C GLY A 257 -8.37 4.24 10.73
N ASN A 258 -8.98 3.68 11.77
CA ASN A 258 -8.80 4.17 13.12
C ASN A 258 -7.39 3.87 13.66
N LEU A 259 -6.97 2.62 13.55
CA LEU A 259 -5.62 2.21 14.00
C LEU A 259 -4.53 2.94 13.22
N THR A 260 -4.74 3.08 11.92
CA THR A 260 -3.73 3.65 11.03
C THR A 260 -3.57 5.16 11.26
N TYR A 261 -4.68 5.84 11.55
CA TYR A 261 -4.62 7.26 11.91
C TYR A 261 -3.85 7.52 13.21
N GLU A 262 -4.11 6.70 14.23
CA GLU A 262 -3.44 6.88 15.52
C GLU A 262 -1.93 6.77 15.36
N ILE A 263 -1.50 5.78 14.57
CA ILE A 263 -0.09 5.54 14.32
C ILE A 263 0.53 6.68 13.51
N VAL A 264 -0.18 7.10 12.46
CA VAL A 264 0.31 8.14 11.55
C VAL A 264 0.49 9.47 12.28
N ARG A 265 -0.52 9.92 13.01
CA ARG A 265 -0.42 11.18 13.78
C ARG A 265 0.83 11.14 14.65
N GLU A 266 1.06 9.99 15.29
CA GLU A 266 2.17 9.81 16.22
C GLU A 266 3.55 9.79 15.54
N LEU A 267 3.68 9.09 14.41
CA LEU A 267 5.00 8.72 13.88
C LEU A 267 5.38 9.28 12.50
N VAL A 268 4.43 9.80 11.73
CA VAL A 268 4.76 10.27 10.38
C VAL A 268 5.21 11.74 10.42
N ASP A 269 6.28 12.04 9.70
CA ASP A 269 6.89 13.37 9.73
C ASP A 269 6.09 14.41 8.95
N ASP A 270 5.57 14.03 7.80
CA ASP A 270 4.76 14.95 7.00
C ASP A 270 3.93 14.19 5.99
N ILE A 271 2.99 14.89 5.37
CA ILE A 271 2.24 14.36 4.25
C ILE A 271 2.07 15.46 3.22
N VAL A 272 2.57 15.24 2.01
CA VAL A 272 2.40 16.18 0.90
C VAL A 272 1.33 15.68 -0.05
N LEU A 273 0.89 16.59 -0.91
CA LEU A 273 -0.13 16.28 -1.91
C LEU A 273 0.41 16.54 -3.30
N VAL A 274 0.04 15.67 -4.24
CA VAL A 274 0.44 15.83 -5.62
C VAL A 274 -0.77 15.79 -6.55
N SER A 275 -0.68 16.55 -7.64
CA SER A 275 -1.75 16.63 -8.63
C SER A 275 -1.72 15.44 -9.60
N GLU A 276 -2.82 15.26 -10.31
CA GLU A 276 -2.94 14.23 -11.35
C GLU A 276 -1.84 14.35 -12.41
N ASP A 277 -1.50 15.57 -12.80
CA ASP A 277 -0.41 15.80 -13.77
C ASP A 277 0.94 15.32 -13.23
N GLU A 278 1.21 15.58 -11.95
CA GLU A 278 2.47 15.19 -11.33
C GLU A 278 2.56 13.68 -11.23
N ILE A 279 1.44 13.03 -11.00
CA ILE A 279 1.40 11.56 -10.94
C ILE A 279 1.70 11.00 -12.33
N ARG A 280 1.09 11.58 -13.36
CA ARG A 280 1.32 11.12 -14.72
C ARG A 280 2.78 11.31 -15.11
N ASN A 281 3.30 12.52 -14.84
CA ASN A 281 4.72 12.81 -15.09
C ASN A 281 5.63 11.81 -14.40
N SER A 282 5.27 11.44 -13.18
CA SER A 282 6.06 10.49 -12.42
C SER A 282 6.06 9.10 -13.08
N MET A 283 4.91 8.67 -13.58
CA MET A 283 4.81 7.38 -14.26
C MET A 283 5.62 7.37 -15.55
N ILE A 284 5.49 8.43 -16.35
CA ILE A 284 6.25 8.58 -17.59
C ILE A 284 7.76 8.56 -17.31
N ALA A 285 8.17 9.27 -16.25
CA ALA A 285 9.57 9.31 -15.86
C ALA A 285 10.08 7.93 -15.44
N LEU A 286 9.25 7.16 -14.74
CA LEU A 286 9.68 5.84 -14.25
C LEU A 286 9.83 4.86 -15.41
N ILE A 287 8.93 4.95 -16.37
CA ILE A 287 8.98 4.16 -17.57
C ILE A 287 10.23 4.48 -18.41
N GLN A 288 10.42 5.74 -18.75
CA GLN A 288 11.47 6.15 -19.69
C GLN A 288 12.87 6.11 -19.08
N ARG A 289 12.98 6.57 -17.83
CA ARG A 289 14.28 6.73 -17.18
C ARG A 289 14.67 5.56 -16.29
N ASN A 290 13.70 4.80 -15.80
CA ASN A 290 13.99 3.64 -14.96
C ASN A 290 13.43 2.31 -15.47
N LYS A 291 12.72 2.34 -16.60
CA LYS A 291 12.24 1.12 -17.25
C LYS A 291 11.29 0.29 -16.42
N VAL A 292 10.57 0.91 -15.51
CA VAL A 292 9.59 0.18 -14.71
C VAL A 292 8.16 0.68 -14.88
N ILE A 293 7.25 -0.29 -14.84
CA ILE A 293 5.81 -0.07 -14.94
C ILE A 293 5.24 0.16 -13.54
N THR A 294 4.39 1.16 -13.46
CA THR A 294 3.88 1.71 -12.22
C THR A 294 2.38 2.01 -12.36
N GLU A 295 1.59 1.70 -11.33
CA GLU A 295 0.22 2.26 -11.26
C GLU A 295 0.29 3.61 -10.56
N GLY A 296 -0.76 4.40 -10.70
CA GLY A 296 -0.80 5.74 -10.12
C GLY A 296 -0.32 5.78 -8.67
N ALA A 297 -0.82 4.85 -7.87
CA ALA A 297 -0.45 4.82 -6.46
C ALA A 297 1.05 4.55 -6.32
N GLY A 298 1.55 3.64 -7.14
CA GLY A 298 2.98 3.29 -7.12
C GLY A 298 3.93 4.43 -7.50
N ALA A 299 3.42 5.40 -8.25
CA ALA A 299 4.20 6.56 -8.66
C ALA A 299 4.03 7.81 -7.78
N LEU A 300 3.18 7.73 -6.75
CA LEU A 300 2.90 8.91 -5.89
C LEU A 300 4.14 9.47 -5.22
N ALA A 301 4.93 8.58 -4.63
CA ALA A 301 6.14 8.95 -3.91
C ALA A 301 7.14 9.65 -4.83
N CYS A 302 7.32 9.10 -6.04
CA CYS A 302 8.18 9.72 -7.03
C CYS A 302 7.62 11.04 -7.55
N ALA A 303 6.30 11.16 -7.65
CA ALA A 303 5.66 12.44 -7.99
C ALA A 303 5.98 13.52 -6.95
N ALA A 304 5.99 13.14 -5.67
CA ALA A 304 6.32 14.08 -4.59
C ALA A 304 7.78 14.52 -4.67
N LEU A 305 8.65 13.61 -5.11
CA LEU A 305 10.07 13.92 -5.24
C LEU A 305 10.31 14.95 -6.34
N LEU A 306 9.55 14.86 -7.43
CA LEU A 306 9.68 15.82 -8.53
C LEU A 306 8.88 17.08 -8.31
N SER A 307 7.89 17.04 -7.42
CA SER A 307 7.05 18.22 -7.19
C SER A 307 7.88 19.40 -6.68
N GLY A 308 8.94 19.12 -5.93
CA GLY A 308 9.77 20.16 -5.29
C GLY A 308 9.42 20.35 -3.83
N LYS A 309 8.36 19.70 -3.38
CA LYS A 309 7.84 19.88 -2.03
C LYS A 309 8.72 19.23 -0.96
N LEU A 310 9.45 18.19 -1.33
CA LEU A 310 10.33 17.49 -0.38
C LEU A 310 11.79 17.94 -0.49
N ASP A 311 12.02 19.06 -1.17
CA ASP A 311 13.39 19.49 -1.49
C ASP A 311 14.29 19.68 -0.28
N SER A 312 13.74 20.21 0.82
CA SER A 312 14.55 20.47 2.02
C SER A 312 14.86 19.19 2.79
N HIS A 313 14.28 18.06 2.39
CA HIS A 313 14.57 16.77 3.02
C HIS A 313 15.53 15.91 2.21
N ILE A 314 15.56 16.10 0.89
CA ILE A 314 16.20 15.11 0.01
C ILE A 314 17.54 15.51 -0.59
N GLN A 315 17.85 16.79 -0.61
CA GLN A 315 19.10 17.25 -1.19
C GLN A 315 20.27 16.84 -0.29
N ASN A 316 21.28 16.21 -0.92
CA ASN A 316 22.45 15.65 -0.22
C ASN A 316 22.11 14.59 0.84
N ARG A 317 20.95 13.93 0.68
CA ARG A 317 20.55 12.84 1.57
C ARG A 317 20.24 11.59 0.76
N LYS A 318 19.97 10.50 1.46
CA LYS A 318 19.55 9.26 0.84
C LYS A 318 18.09 9.07 1.17
N THR A 319 17.30 8.88 0.10
CA THR A 319 15.87 8.75 0.21
C THR A 319 15.39 7.53 -0.57
N VAL A 320 14.50 6.77 0.05
CA VAL A 320 13.85 5.63 -0.59
C VAL A 320 12.42 6.02 -0.96
N SER A 321 12.07 5.81 -2.22
CA SER A 321 10.70 6.00 -2.69
C SER A 321 10.04 4.63 -2.83
N ILE A 322 8.86 4.47 -2.24
CA ILE A 322 8.16 3.19 -2.30
C ILE A 322 7.35 3.09 -3.59
N ILE A 323 7.73 2.17 -4.47
CA ILE A 323 6.92 1.84 -5.64
C ILE A 323 5.95 0.75 -5.21
N SER A 324 4.82 1.18 -4.66
CA SER A 324 3.89 0.28 -3.99
C SER A 324 3.19 -0.74 -4.89
N GLY A 325 2.99 -0.39 -6.16
CA GLY A 325 2.27 -1.26 -7.07
C GLY A 325 2.49 -1.00 -8.55
N GLY A 326 2.30 -2.04 -9.35
CA GLY A 326 2.39 -1.96 -10.80
C GLY A 326 1.16 -2.49 -11.52
N ASN A 327 0.02 -2.55 -10.83
CA ASN A 327 -1.21 -3.14 -11.39
C ASN A 327 -2.07 -2.11 -12.12
N ILE A 328 -1.70 -1.90 -13.37
CA ILE A 328 -2.29 -0.89 -14.24
C ILE A 328 -2.66 -1.60 -15.53
N ASP A 329 -3.85 -1.34 -16.05
CA ASP A 329 -4.24 -1.91 -17.33
C ASP A 329 -3.33 -1.41 -18.44
N LEU A 330 -3.00 -2.30 -19.36
CA LEU A 330 -2.16 -1.95 -20.49
C LEU A 330 -2.77 -0.83 -21.33
N SER A 331 -4.11 -0.79 -21.42
CA SER A 331 -4.79 0.32 -22.09
C SER A 331 -4.42 1.65 -21.45
N ARG A 332 -4.29 1.67 -20.14
CA ARG A 332 -3.91 2.90 -19.46
C ARG A 332 -2.42 3.18 -19.67
N VAL A 333 -1.60 2.14 -19.77
CA VAL A 333 -0.20 2.32 -20.10
C VAL A 333 -0.10 2.92 -21.51
N SER A 334 -0.87 2.37 -22.44
CA SER A 334 -0.92 2.87 -23.81
C SER A 334 -1.30 4.34 -23.87
N GLN A 335 -2.31 4.74 -23.11
CA GLN A 335 -2.76 6.12 -23.08
C GLN A 335 -1.70 7.07 -22.51
N ILE A 336 -1.12 6.72 -21.36
CA ILE A 336 -0.14 7.59 -20.70
C ILE A 336 1.13 7.76 -21.53
N THR A 337 1.58 6.71 -22.20
CA THR A 337 2.80 6.78 -23.01
C THR A 337 2.53 7.42 -24.36
N GLY A 338 1.26 7.44 -24.77
CA GLY A 338 0.86 7.99 -26.05
C GLY A 338 0.63 9.49 -26.03
N LEU A 339 0.57 10.08 -24.85
CA LEU A 339 0.34 11.52 -24.73
C LEU A 339 1.51 12.27 -25.34
N VAL A 340 1.25 13.49 -25.82
CA VAL A 340 2.32 14.37 -26.30
C VAL A 340 3.38 14.55 -25.20
N ASP A 341 4.17 13.50 -24.99
CA ASP A 341 5.18 13.41 -23.91
C ASP A 341 6.22 12.35 -24.25
NA NA B . 22.67 -4.23 5.79
O3P C5P C . 3.48 -12.28 -9.28
P C5P C . 2.59 -12.95 -10.26
O1P C5P C . 3.43 -13.71 -11.27
O2P C5P C . 1.54 -13.74 -9.54
O5' C5P C . 1.81 -11.76 -11.05
C5' C5P C . 2.58 -10.77 -11.74
C4' C5P C . 1.66 -9.70 -12.34
O4' C5P C . 0.73 -10.30 -13.23
C3' C5P C . 0.85 -8.97 -11.28
O3' C5P C . 0.79 -7.58 -11.56
C2' C5P C . -0.54 -9.55 -11.40
O2' C5P C . -1.56 -8.64 -11.04
C1' C5P C . -0.60 -9.88 -12.88
N1 C5P C . -1.59 -10.91 -13.22
C2 C5P C . -2.47 -10.67 -14.29
N3 C5P C . -3.38 -11.59 -14.65
C4 C5P C . -3.43 -12.76 -13.98
C5 C5P C . -2.57 -13.03 -12.91
C6 C5P C . -1.64 -12.07 -12.56
O2 C5P C . -2.42 -9.60 -14.92
N4 C5P C . -4.35 -13.67 -14.33
#